data_4AIJ
#
_entry.id   4AIJ
#
_cell.length_a   88.779
_cell.length_b   88.779
_cell.length_c   67.729
_cell.angle_alpha   90.00
_cell.angle_beta   90.00
_cell.angle_gamma   120.00
#
_symmetry.space_group_name_H-M   'P 3'
#
loop_
_entity.id
_entity.type
_entity.pdbx_description
1 polymer 'TRANSCRIPTIONAL REGULATOR SLYA'
2 polymer "ROVA PROMOTER FRAGMENT, 5'-D(*AP*AP*TP*TP*AP*TP*AP*TP *TP*AP*TP*TP*TP*GP*AP*AP*TP*TP*AP*AP*T)-3'"
3 polymer "ROVA PROMOTER FRAGMENT, 5'-D(*TP*AP*TP*TP*AP*AP*TP*TP *CP*AP*AP*AP*TP*AP*AP*TP*AP*TP*AP*AP*T)-3'"
4 water water
#
loop_
_entity_poly.entity_id
_entity_poly.type
_entity_poly.pdbx_seq_one_letter_code
_entity_poly.pdbx_strand_id
1 'polypeptide(L)'
;MESTLGSDLARLVRVWRALIDHRLKPLELTQTHWVTLYNINRLPPEQSQIQLAKAIGIEQPSLVRTLDQLEEKGLITRHT
SANDRRAKRIKLTEQSSPIIEQVDGVISSTRKEILGGISSDEIAVLSGLIDKLEKNIIQLQTKLEHHHHHH
;
A,B
2 'polydeoxyribonucleotide'
;(DA)(DA)(DT)(DT)(DA)(DT)(DA)(DT)(DT)(DA)(DT)(DT)(DT)(DG)(DA)(DA)(DT)(DT)(DA)(DA)
(DT)
;
C
3 'polydeoxyribonucleotide'
;(DT)(DA)(DT)(DT)(DA)(DA)(DT)(DT)(DC)(DA)(DA)(DA)(DT)(DA)(DA)(DT)(DA)(DT)(DA)(DA)
(DT)
;
D
#
# COMPACT_ATOMS: atom_id res chain seq x y z
N SER A 3 9.99 -16.68 -4.49
CA SER A 3 9.90 -15.19 -4.33
C SER A 3 8.43 -14.77 -4.03
N THR A 4 8.28 -13.84 -3.10
CA THR A 4 7.00 -13.19 -2.88
C THR A 4 7.29 -11.70 -2.93
N LEU A 5 8.19 -11.28 -3.82
CA LEU A 5 8.71 -9.91 -3.80
C LEU A 5 7.57 -8.89 -3.74
N GLY A 6 6.53 -9.13 -4.54
CA GLY A 6 5.40 -8.22 -4.61
C GLY A 6 4.81 -7.99 -3.23
N SER A 7 4.62 -9.09 -2.49
CA SER A 7 3.96 -9.10 -1.18
C SER A 7 4.89 -8.56 -0.07
N ASP A 8 6.18 -8.81 -0.23
CA ASP A 8 7.17 -8.35 0.73
C ASP A 8 7.30 -6.85 0.61
N LEU A 9 7.24 -6.38 -0.63
CA LEU A 9 7.22 -4.96 -0.89
C LEU A 9 6.01 -4.18 -0.34
N ALA A 10 4.79 -4.73 -0.56
CA ALA A 10 3.56 -4.19 -0.02
C ALA A 10 3.65 -4.06 1.50
N ARG A 11 4.31 -5.04 2.13
CA ARG A 11 4.53 -5.07 3.57
C ARG A 11 5.38 -3.92 4.08
N LEU A 12 6.45 -3.64 3.33
CA LEU A 12 7.34 -2.53 3.71
C LEU A 12 6.61 -1.21 3.59
N VAL A 13 5.80 -1.08 2.54
CA VAL A 13 4.92 0.06 2.36
C VAL A 13 3.95 0.26 3.54
N ARG A 14 3.32 -0.83 4.00
CA ARG A 14 2.41 -0.78 5.14
C ARG A 14 3.12 -0.35 6.42
N VAL A 15 4.30 -0.90 6.68
CA VAL A 15 4.98 -0.65 7.95
C VAL A 15 5.70 0.72 7.95
N TRP A 16 5.99 1.26 6.76
CA TRP A 16 6.61 2.59 6.64
C TRP A 16 5.52 3.63 6.98
N ARG A 17 4.34 3.37 6.45
CA ARG A 17 3.20 4.23 6.60
C ARG A 17 2.68 4.26 8.04
N ALA A 18 2.58 3.08 8.67
CA ALA A 18 2.13 2.97 10.08
C ALA A 18 3.10 3.59 11.12
N LEU A 19 4.40 3.49 10.87
CA LEU A 19 5.44 4.17 11.68
C LEU A 19 5.29 5.69 11.57
N ILE A 20 5.10 6.22 10.37
CA ILE A 20 4.69 7.60 10.21
C ILE A 20 3.38 7.91 10.96
N ASP A 21 2.32 7.11 10.71
CA ASP A 21 1.07 7.22 11.43
C ASP A 21 1.31 7.19 12.95
N HIS A 22 2.21 6.32 13.42
CA HIS A 22 2.51 6.26 14.84
C HIS A 22 3.09 7.59 15.32
N ARG A 23 4.11 8.08 14.62
CA ARG A 23 4.78 9.35 14.95
C ARG A 23 3.89 10.58 14.93
N LEU A 24 2.85 10.56 14.11
CA LEU A 24 1.92 11.69 13.94
C LEU A 24 0.66 11.64 14.80
N LYS A 25 0.55 10.63 15.66
CA LYS A 25 -0.65 10.32 16.47
C LYS A 25 -1.23 11.52 17.27
N PRO A 26 -0.40 12.25 18.05
CA PRO A 26 -0.97 13.35 18.88
C PRO A 26 -1.58 14.48 18.03
N LEU A 27 -1.32 14.46 16.73
CA LEU A 27 -2.01 15.39 15.84
C LEU A 27 -3.50 15.09 15.58
N GLU A 28 -3.88 13.83 15.84
CA GLU A 28 -5.25 13.32 15.66
C GLU A 28 -5.80 13.54 14.25
N LEU A 29 -5.01 13.21 13.24
CA LEU A 29 -5.53 13.08 11.90
C LEU A 29 -5.53 11.61 11.52
N THR A 30 -6.64 11.19 10.89
CA THR A 30 -6.66 9.94 10.14
C THR A 30 -5.47 9.94 9.15
N GLN A 31 -4.95 8.76 8.82
CA GLN A 31 -3.85 8.64 7.82
C GLN A 31 -4.24 9.37 6.53
N THR A 32 -5.47 9.13 6.04
CA THR A 32 -5.95 9.81 4.83
C THR A 32 -5.79 11.33 4.84
N HIS A 33 -6.12 11.97 5.98
CA HIS A 33 -5.95 13.42 6.09
C HIS A 33 -4.47 13.86 5.94
N TRP A 34 -3.54 13.24 6.66
CA TRP A 34 -2.16 13.70 6.58
C TRP A 34 -1.52 13.41 5.25
N VAL A 35 -1.89 12.27 4.62
CA VAL A 35 -1.36 11.91 3.31
C VAL A 35 -1.75 12.98 2.33
N THR A 36 -3.04 13.33 2.35
CA THR A 36 -3.60 14.35 1.47
C THR A 36 -2.98 15.75 1.72
N LEU A 37 -2.91 16.17 2.99
CA LEU A 37 -2.28 17.45 3.33
C LEU A 37 -0.83 17.48 2.84
N TYR A 38 -0.10 16.37 3.01
CA TYR A 38 1.26 16.28 2.51
C TYR A 38 1.34 16.50 1.01
N ASN A 39 0.46 15.83 0.27
CA ASN A 39 0.53 15.88 -1.19
C ASN A 39 0.10 17.24 -1.73
N ILE A 40 -0.93 17.84 -1.11
CA ILE A 40 -1.32 19.23 -1.45
C ILE A 40 -0.15 20.21 -1.35
N ASN A 41 0.63 20.09 -0.25
CA ASN A 41 1.83 20.95 -0.02
C ASN A 41 3.00 20.58 -0.94
N ARG A 42 3.09 19.29 -1.29
CA ARG A 42 4.28 18.72 -1.97
C ARG A 42 4.22 18.99 -3.47
N LEU A 43 3.01 19.15 -3.98
CA LEU A 43 2.74 19.22 -5.42
C LEU A 43 2.27 20.60 -5.87
N PRO A 44 2.41 20.91 -7.18
CA PRO A 44 1.99 22.23 -7.66
C PRO A 44 0.48 22.45 -7.54
N PRO A 45 0.05 23.68 -7.19
CA PRO A 45 -1.39 23.96 -7.01
C PRO A 45 -2.20 23.71 -8.27
N GLU A 46 -1.54 23.77 -9.44
CA GLU A 46 -2.18 23.40 -10.71
C GLU A 46 -2.56 21.91 -10.75
N GLN A 47 -1.80 21.07 -10.04
CA GLN A 47 -2.19 19.67 -9.83
C GLN A 47 -3.53 19.66 -9.08
N SER A 48 -4.59 19.53 -9.89
CA SER A 48 -5.99 19.66 -9.51
C SER A 48 -6.64 18.33 -9.15
N GLN A 49 -7.83 18.40 -8.55
CA GLN A 49 -8.50 17.23 -7.96
C GLN A 49 -8.16 15.89 -8.59
N ILE A 50 -8.55 15.69 -9.84
CA ILE A 50 -8.31 14.42 -10.52
C ILE A 50 -6.81 14.00 -10.55
N GLN A 51 -5.93 14.98 -10.71
CA GLN A 51 -4.49 14.78 -10.67
C GLN A 51 -4.03 14.47 -9.25
N LEU A 52 -4.57 15.22 -8.30
CA LEU A 52 -4.23 15.08 -6.90
C LEU A 52 -4.41 13.65 -6.38
N ALA A 53 -5.56 13.07 -6.71
CA ALA A 53 -5.97 11.75 -6.23
C ALA A 53 -5.02 10.59 -6.55
N LYS A 54 -4.30 10.66 -7.67
CA LYS A 54 -3.32 9.61 -8.03
C LYS A 54 -2.14 9.59 -7.08
N ALA A 55 -1.55 10.76 -6.83
CA ALA A 55 -0.49 10.90 -5.87
C ALA A 55 -0.95 10.47 -4.49
N ILE A 56 -2.21 10.73 -4.17
CA ILE A 56 -2.73 10.34 -2.88
C ILE A 56 -3.03 8.84 -2.90
N GLY A 57 -3.27 8.32 -4.11
CA GLY A 57 -3.52 6.89 -4.34
C GLY A 57 -4.96 6.50 -4.49
N ILE A 58 -5.86 7.43 -4.21
CA ILE A 58 -7.25 7.08 -3.98
C ILE A 58 -8.20 7.75 -4.97
N GLU A 59 -9.40 7.20 -5.09
CA GLU A 59 -10.40 7.68 -6.02
C GLU A 59 -10.87 9.10 -5.76
N GLN A 60 -11.16 9.81 -6.85
CA GLN A 60 -11.46 11.24 -6.77
C GLN A 60 -12.77 11.57 -6.05
N PRO A 61 -13.80 10.71 -6.15
CA PRO A 61 -14.93 11.02 -5.30
C PRO A 61 -14.56 10.91 -3.81
N SER A 62 -13.82 9.87 -3.42
CA SER A 62 -13.38 9.75 -2.04
C SER A 62 -12.50 10.95 -1.66
N LEU A 63 -11.71 11.46 -2.60
CA LEU A 63 -10.95 12.70 -2.33
C LEU A 63 -11.92 13.89 -2.22
N VAL A 64 -13.08 13.79 -2.85
CA VAL A 64 -14.13 14.81 -2.69
C VAL A 64 -14.59 14.86 -1.22
N ARG A 65 -14.77 13.69 -0.62
CA ARG A 65 -15.12 13.63 0.78
C ARG A 65 -14.03 14.24 1.70
N THR A 66 -12.77 13.89 1.45
CA THR A 66 -11.66 14.37 2.28
C THR A 66 -11.48 15.89 2.22
N LEU A 67 -11.50 16.47 1.02
CA LEU A 67 -11.37 17.91 0.84
C LEU A 67 -12.47 18.73 1.53
N ASP A 68 -13.68 18.14 1.63
CA ASP A 68 -14.79 18.73 2.38
C ASP A 68 -14.47 18.84 3.87
N GLN A 69 -14.04 17.73 4.45
CA GLN A 69 -13.62 17.64 5.85
C GLN A 69 -12.45 18.57 6.16
N LEU A 70 -11.39 18.49 5.35
CA LEU A 70 -10.23 19.35 5.53
C LEU A 70 -10.62 20.83 5.43
N GLU A 71 -11.58 21.13 4.56
CA GLU A 71 -12.01 22.52 4.36
C GLU A 71 -12.87 23.02 5.52
N GLU A 72 -13.76 22.16 6.05
CA GLU A 72 -14.60 22.53 7.19
C GLU A 72 -13.74 22.81 8.41
N LYS A 73 -12.67 22.03 8.55
CA LYS A 73 -11.64 22.25 9.56
C LYS A 73 -10.88 23.57 9.35
N GLY A 74 -11.20 24.27 8.25
CA GLY A 74 -10.43 25.44 7.78
C GLY A 74 -8.97 25.27 7.35
N LEU A 75 -8.58 24.10 6.83
CA LEU A 75 -7.16 23.84 6.45
C LEU A 75 -6.78 24.14 4.99
N ILE A 76 -7.79 24.18 4.13
CA ILE A 76 -7.58 24.29 2.69
C ILE A 76 -8.64 25.17 2.04
N THR A 77 -8.29 25.74 0.88
CA THR A 77 -9.21 26.53 0.07
C THR A 77 -9.51 25.84 -1.26
N ARG A 78 -10.79 25.76 -1.62
CA ARG A 78 -11.21 25.31 -2.95
C ARG A 78 -11.88 26.46 -3.69
N HIS A 79 -11.12 27.12 -4.55
CA HIS A 79 -11.64 28.26 -5.29
C HIS A 79 -11.53 28.10 -6.80
N THR A 80 -12.48 28.71 -7.50
CA THR A 80 -12.52 28.72 -8.96
C THR A 80 -11.30 29.45 -9.52
N SER A 81 -10.61 28.80 -10.45
CA SER A 81 -9.49 29.43 -11.16
C SER A 81 -10.02 30.61 -11.96
N ALA A 82 -9.35 31.76 -11.84
CA ALA A 82 -9.78 33.01 -12.50
C ALA A 82 -9.91 32.88 -14.03
N ASN A 83 -9.24 31.86 -14.58
CA ASN A 83 -9.27 31.58 -16.02
C ASN A 83 -10.40 30.63 -16.44
N ASP A 84 -10.63 29.59 -15.64
CA ASP A 84 -11.65 28.58 -15.93
C ASP A 84 -12.68 28.48 -14.80
N ARG A 85 -13.94 28.17 -15.15
CA ARG A 85 -15.04 28.12 -14.18
C ARG A 85 -15.45 26.72 -13.69
N ARG A 86 -14.69 25.68 -14.06
CA ARG A 86 -14.96 24.34 -13.55
C ARG A 86 -13.71 23.66 -12.95
N ALA A 87 -12.55 24.28 -13.16
CA ALA A 87 -11.28 23.82 -12.59
C ALA A 87 -10.95 24.62 -11.34
N LYS A 88 -10.61 23.91 -10.28
CA LYS A 88 -10.42 24.55 -8.97
C LYS A 88 -8.98 24.53 -8.46
N ARG A 89 -8.63 25.59 -7.73
CA ARG A 89 -7.35 25.70 -7.05
C ARG A 89 -7.46 25.12 -5.64
N ILE A 90 -6.51 24.24 -5.30
CA ILE A 90 -6.42 23.68 -3.95
C ILE A 90 -5.08 24.08 -3.33
N LYS A 91 -5.15 24.80 -2.22
CA LYS A 91 -3.96 25.12 -1.45
C LYS A 91 -4.27 25.28 0.02
N LEU A 92 -3.26 25.03 0.84
CA LEU A 92 -3.31 25.19 2.28
C LEU A 92 -3.54 26.64 2.74
N THR A 93 -4.17 26.76 3.92
CA THR A 93 -4.43 28.06 4.54
C THR A 93 -3.21 28.44 5.37
N GLU A 94 -3.10 29.71 5.76
CA GLU A 94 -2.02 30.10 6.67
C GLU A 94 -2.19 29.35 7.98
N GLN A 95 -3.45 29.07 8.32
CA GLN A 95 -3.83 28.36 9.54
C GLN A 95 -3.32 26.92 9.60
N SER A 96 -3.13 26.29 8.44
CA SER A 96 -2.54 24.96 8.36
C SER A 96 -1.01 24.96 8.31
N SER A 97 -0.42 26.14 8.43
CA SER A 97 1.04 26.35 8.40
C SER A 97 1.77 25.48 9.44
N PRO A 98 1.35 25.50 10.71
CA PRO A 98 2.03 24.66 11.70
C PRO A 98 1.70 23.19 11.62
N ILE A 99 0.54 22.86 11.06
CA ILE A 99 0.15 21.47 10.94
C ILE A 99 1.01 20.77 9.88
N ILE A 100 1.24 21.46 8.77
CA ILE A 100 2.03 20.84 7.71
C ILE A 100 3.52 20.79 8.04
N GLU A 101 4.02 21.72 8.85
CA GLU A 101 5.44 21.66 9.15
C GLU A 101 5.63 20.43 10.02
N GLN A 102 4.56 20.09 10.74
CA GLN A 102 4.54 18.95 11.63
C GLN A 102 4.62 17.63 10.78
N VAL A 103 3.66 17.49 9.87
CA VAL A 103 3.52 16.28 9.01
C VAL A 103 4.79 16.14 8.13
N ASP A 104 5.11 17.19 7.38
CA ASP A 104 6.32 17.22 6.55
C ASP A 104 7.59 16.86 7.32
N GLY A 105 7.64 17.26 8.59
CA GLY A 105 8.83 17.02 9.44
C GLY A 105 8.99 15.57 9.87
N VAL A 106 7.86 14.96 10.24
CA VAL A 106 7.85 13.56 10.60
C VAL A 106 8.28 12.66 9.37
N ILE A 107 7.71 12.99 8.21
CA ILE A 107 7.86 12.29 6.96
C ILE A 107 9.33 12.37 6.44
N SER A 108 9.92 13.58 6.51
CA SER A 108 11.26 13.79 6.04
C SER A 108 12.24 13.20 7.00
N SER A 109 12.01 13.40 8.30
CA SER A 109 12.87 12.77 9.33
C SER A 109 12.83 11.24 9.24
N THR A 110 11.62 10.71 9.09
CA THR A 110 11.41 9.27 8.90
C THR A 110 12.16 8.72 7.67
N ARG A 111 12.02 9.38 6.51
CA ARG A 111 12.71 9.05 5.26
C ARG A 111 14.23 9.07 5.43
N LYS A 112 14.74 10.07 6.17
CA LYS A 112 16.17 10.22 6.42
C LYS A 112 16.69 9.19 7.42
N GLU A 113 15.85 8.80 8.36
CA GLU A 113 16.30 7.81 9.33
C GLU A 113 16.19 6.37 8.79
N ILE A 114 15.17 6.11 7.96
CA ILE A 114 14.91 4.75 7.41
C ILE A 114 16.06 4.24 6.54
N LEU A 115 16.45 5.14 5.63
CA LEU A 115 17.65 5.07 4.84
C LEU A 115 18.82 5.43 5.74
N GLY A 116 19.53 4.42 6.24
CA GLY A 116 20.54 4.67 7.24
C GLY A 116 21.07 3.29 7.52
N GLY A 117 22.38 3.17 7.55
CA GLY A 117 22.94 1.83 7.38
C GLY A 117 22.79 1.30 5.95
N ILE A 118 21.76 1.69 5.18
CA ILE A 118 21.80 1.36 3.73
C ILE A 118 22.80 2.25 2.93
N SER A 119 23.52 1.60 2.02
CA SER A 119 24.55 2.25 1.22
C SER A 119 24.06 3.18 0.12
N SER A 120 24.89 4.17 -0.21
CA SER A 120 24.72 5.03 -1.38
C SER A 120 24.44 4.27 -2.70
N ASP A 121 25.23 3.27 -3.05
CA ASP A 121 24.87 2.55 -4.32
C ASP A 121 23.58 1.72 -4.19
N GLU A 122 23.28 1.27 -2.97
CA GLU A 122 21.99 0.65 -2.64
C GLU A 122 20.79 1.60 -2.73
N ILE A 123 20.93 2.82 -2.21
CA ILE A 123 19.90 3.86 -2.37
C ILE A 123 19.69 4.18 -3.85
N ALA A 124 20.80 4.34 -4.60
CA ALA A 124 20.70 4.67 -6.03
C ALA A 124 19.88 3.60 -6.81
N VAL A 125 19.97 2.35 -6.41
CA VAL A 125 19.28 1.32 -7.18
C VAL A 125 17.79 1.22 -6.90
N LEU A 126 17.42 1.30 -5.62
CA LEU A 126 16.04 1.34 -5.23
C LEU A 126 15.39 2.56 -5.87
N SER A 127 16.00 3.75 -5.82
CA SER A 127 15.33 4.89 -6.47
C SER A 127 15.16 4.65 -7.99
N GLY A 128 16.22 4.14 -8.63
CA GLY A 128 16.20 3.77 -10.07
C GLY A 128 15.36 2.56 -10.47
N LEU A 129 15.34 1.52 -9.67
CA LEU A 129 14.49 0.38 -9.95
C LEU A 129 13.01 0.71 -9.86
N ILE A 130 12.64 1.41 -8.80
CA ILE A 130 11.23 1.73 -8.61
C ILE A 130 10.79 2.34 -9.92
N ASP A 131 11.42 3.45 -10.25
CA ASP A 131 11.22 4.16 -11.51
C ASP A 131 11.02 3.24 -12.71
N LYS A 132 11.94 2.29 -12.94
CA LYS A 132 11.85 1.31 -14.03
C LYS A 132 10.63 0.39 -13.97
N LEU A 133 10.38 -0.13 -12.77
CA LEU A 133 9.32 -1.10 -12.54
C LEU A 133 7.95 -0.47 -12.77
N GLU A 134 7.78 0.78 -12.35
CA GLU A 134 6.56 1.53 -12.58
C GLU A 134 6.31 1.68 -14.06
N LYS A 135 7.39 1.97 -14.80
CA LYS A 135 7.34 2.11 -16.25
C LYS A 135 7.08 0.79 -16.96
N ASN A 136 7.69 -0.28 -16.47
CA ASN A 136 7.38 -1.62 -16.92
C ASN A 136 5.89 -1.90 -16.71
N ILE A 137 5.39 -1.56 -15.53
CA ILE A 137 3.96 -1.77 -15.22
C ILE A 137 3.08 -0.91 -16.12
N ILE A 138 3.47 0.35 -16.33
CA ILE A 138 2.82 1.22 -17.33
C ILE A 138 2.89 0.71 -18.78
N GLN A 139 3.97 -0.02 -19.15
CA GLN A 139 4.03 -0.69 -20.47
C GLN A 139 3.05 -1.86 -20.59
N LEU A 140 2.98 -2.68 -19.54
CA LEU A 140 1.93 -3.68 -19.45
C LEU A 140 0.68 -2.87 -19.12
N GLN A 141 -0.49 -3.45 -19.32
CA GLN A 141 -1.79 -2.72 -19.28
C GLN A 141 -2.27 -2.47 -20.71
N GLU B 2 13.73 17.36 -4.37
CA GLU B 2 13.49 16.75 -3.01
C GLU B 2 13.04 15.30 -3.06
N SER B 3 13.60 14.50 -2.17
CA SER B 3 13.40 13.06 -2.17
C SER B 3 12.00 12.61 -1.73
N THR B 4 11.44 11.65 -2.45
CA THR B 4 10.06 11.24 -2.23
C THR B 4 9.98 9.74 -2.25
N LEU B 5 10.96 9.04 -1.67
CA LEU B 5 11.07 7.62 -1.94
C LEU B 5 9.93 6.77 -1.37
N GLY B 6 9.40 7.16 -0.20
CA GLY B 6 8.34 6.39 0.44
C GLY B 6 7.05 6.41 -0.38
N SER B 7 6.69 7.60 -0.86
CA SER B 7 5.56 7.76 -1.75
C SER B 7 5.74 7.00 -3.06
N ASP B 8 6.94 7.04 -3.61
CA ASP B 8 7.24 6.28 -4.80
C ASP B 8 7.23 4.77 -4.61
N LEU B 9 7.49 4.27 -3.38
CA LEU B 9 7.29 2.81 -3.17
C LEU B 9 5.79 2.48 -3.01
N ALA B 10 5.04 3.36 -2.32
CA ALA B 10 3.57 3.23 -2.24
C ALA B 10 2.91 3.20 -3.62
N ARG B 11 3.37 4.07 -4.51
CA ARG B 11 2.80 4.18 -5.84
C ARG B 11 3.08 2.91 -6.66
N LEU B 12 4.33 2.49 -6.60
CA LEU B 12 4.81 1.29 -7.27
C LEU B 12 3.94 0.08 -6.94
N VAL B 13 3.78 -0.17 -5.65
CA VAL B 13 2.90 -1.21 -5.13
C VAL B 13 1.41 -1.11 -5.55
N ARG B 14 0.84 0.09 -5.49
CA ARG B 14 -0.49 0.40 -5.99
C ARG B 14 -0.67 0.04 -7.50
N VAL B 15 0.25 0.48 -8.35
CA VAL B 15 0.19 0.14 -9.78
C VAL B 15 0.36 -1.37 -10.03
N TRP B 16 1.33 -1.99 -9.34
CA TRP B 16 1.53 -3.44 -9.45
C TRP B 16 0.22 -4.22 -9.07
N ARG B 17 -0.29 -3.94 -7.88
CA ARG B 17 -1.52 -4.53 -7.43
C ARG B 17 -2.59 -4.33 -8.48
N ALA B 18 -2.74 -3.09 -8.98
CA ALA B 18 -3.72 -2.83 -10.06
C ALA B 18 -3.55 -3.71 -11.33
N LEU B 19 -2.33 -4.07 -11.63
CA LEU B 19 -2.08 -4.90 -12.79
C LEU B 19 -2.63 -6.33 -12.54
N ILE B 20 -2.31 -6.93 -11.40
CA ILE B 20 -2.85 -8.25 -11.05
C ILE B 20 -4.40 -8.26 -11.01
N ASP B 21 -5.00 -7.26 -10.38
CA ASP B 21 -6.46 -7.20 -10.30
C ASP B 21 -7.09 -7.11 -11.70
N HIS B 22 -6.54 -6.25 -12.56
CA HIS B 22 -7.12 -6.10 -13.87
C HIS B 22 -7.01 -7.46 -14.65
N ARG B 23 -5.85 -8.12 -14.59
CA ARG B 23 -5.69 -9.44 -15.21
C ARG B 23 -6.58 -10.55 -14.63
N LEU B 24 -6.94 -10.43 -13.36
CA LEU B 24 -7.95 -11.31 -12.74
C LEU B 24 -9.41 -10.88 -12.94
N LYS B 25 -9.66 -9.77 -13.64
CA LYS B 25 -11.02 -9.23 -13.82
C LYS B 25 -12.08 -10.28 -14.29
N PRO B 26 -11.68 -11.25 -15.11
CA PRO B 26 -12.56 -12.39 -15.40
C PRO B 26 -13.10 -13.15 -14.18
N LEU B 27 -12.26 -13.44 -13.18
CA LEU B 27 -12.75 -14.11 -11.95
C LEU B 27 -13.80 -13.36 -11.11
N GLU B 28 -13.96 -12.05 -11.39
CA GLU B 28 -14.97 -11.21 -10.77
C GLU B 28 -14.75 -11.33 -9.26
N LEU B 29 -13.49 -11.26 -8.88
CA LEU B 29 -13.07 -11.48 -7.52
C LEU B 29 -12.61 -10.14 -6.94
N THR B 30 -12.97 -9.84 -5.71
CA THR B 30 -12.48 -8.61 -5.13
C THR B 30 -10.99 -8.71 -4.81
N GLN B 31 -10.33 -7.54 -4.73
CA GLN B 31 -8.93 -7.47 -4.34
C GLN B 31 -8.69 -8.11 -2.96
N THR B 32 -9.45 -7.71 -1.94
CA THR B 32 -9.32 -8.43 -0.67
C THR B 32 -9.44 -9.96 -0.78
N HIS B 33 -10.42 -10.46 -1.54
CA HIS B 33 -10.69 -11.88 -1.69
C HIS B 33 -9.51 -12.57 -2.41
N TRP B 34 -9.01 -11.98 -3.49
CA TRP B 34 -7.96 -12.62 -4.25
C TRP B 34 -6.64 -12.53 -3.52
N VAL B 35 -6.40 -11.44 -2.79
CA VAL B 35 -5.17 -11.39 -2.03
C VAL B 35 -5.27 -12.37 -0.88
N THR B 36 -6.47 -12.54 -0.35
CA THR B 36 -6.62 -13.39 0.85
C THR B 36 -6.44 -14.84 0.43
N LEU B 37 -7.00 -15.22 -0.71
CA LEU B 37 -6.81 -16.59 -1.18
C LEU B 37 -5.35 -16.88 -1.48
N TYR B 38 -4.69 -15.96 -2.19
CA TYR B 38 -3.26 -16.13 -2.50
C TYR B 38 -2.48 -16.40 -1.21
N ASN B 39 -2.84 -15.64 -0.17
CA ASN B 39 -2.23 -15.82 1.14
C ASN B 39 -2.55 -17.08 1.92
N ILE B 40 -3.83 -17.49 2.00
CA ILE B 40 -4.19 -18.78 2.65
C ILE B 40 -3.41 -19.96 2.04
N ASN B 41 -3.21 -19.90 0.73
CA ASN B 41 -2.54 -21.03 0.06
C ASN B 41 -1.06 -21.19 0.42
N ARG B 42 -0.36 -20.06 0.51
CA ARG B 42 1.09 -20.07 0.81
C ARG B 42 1.39 -20.24 2.31
N LEU B 43 0.45 -19.86 3.17
CA LEU B 43 0.62 -19.95 4.62
C LEU B 43 -0.05 -21.20 5.19
N PRO B 44 0.53 -21.79 6.26
CA PRO B 44 -0.08 -22.95 6.92
C PRO B 44 -1.31 -22.59 7.78
N PRO B 45 -2.21 -23.57 8.04
CA PRO B 45 -3.40 -23.30 8.86
C PRO B 45 -3.03 -22.95 10.30
N GLU B 46 -1.91 -23.52 10.77
CA GLU B 46 -1.33 -23.23 12.08
C GLU B 46 -0.75 -21.82 12.18
N GLN B 47 -1.29 -20.91 11.36
CA GLN B 47 -1.07 -19.48 11.51
C GLN B 47 -2.32 -18.92 12.15
N SER B 48 -2.14 -17.96 13.06
CA SER B 48 -3.26 -17.26 13.67
C SER B 48 -3.91 -16.37 12.62
N GLN B 49 -5.21 -16.13 12.74
CA GLN B 49 -5.87 -15.19 11.85
C GLN B 49 -5.18 -13.83 11.96
N ILE B 50 -4.74 -13.52 13.19
CA ILE B 50 -3.92 -12.34 13.45
C ILE B 50 -2.71 -12.22 12.51
N GLN B 51 -1.91 -13.28 12.41
CA GLN B 51 -0.75 -13.25 11.50
C GLN B 51 -1.19 -13.33 10.03
N LEU B 52 -2.20 -14.13 9.75
CA LEU B 52 -2.80 -14.15 8.41
C LEU B 52 -3.33 -12.76 8.07
N ALA B 53 -4.19 -12.21 8.92
CA ALA B 53 -4.75 -10.89 8.66
C ALA B 53 -3.59 -9.92 8.45
N LYS B 54 -2.60 -10.00 9.33
CA LYS B 54 -1.38 -9.22 9.23
C LYS B 54 -0.56 -9.53 7.97
N ALA B 55 -0.56 -10.80 7.53
CA ALA B 55 0.22 -11.18 6.37
C ALA B 55 -0.32 -10.52 5.12
N ILE B 56 -1.64 -10.41 5.05
CA ILE B 56 -2.36 -9.77 3.96
C ILE B 56 -2.30 -8.23 3.95
N GLY B 57 -2.38 -7.60 5.11
CA GLY B 57 -2.46 -6.14 5.16
C GLY B 57 -3.85 -5.62 5.51
N ILE B 58 -4.55 -6.44 6.28
CA ILE B 58 -5.87 -6.11 6.81
C ILE B 58 -5.88 -6.47 8.29
N GLU B 59 -6.76 -5.82 9.06
CA GLU B 59 -6.88 -6.12 10.47
C GLU B 59 -7.80 -7.33 10.73
N GLN B 60 -7.80 -7.80 11.96
CA GLN B 60 -8.41 -9.08 12.30
C GLN B 60 -9.94 -9.09 12.12
N PRO B 61 -10.65 -8.05 12.63
CA PRO B 61 -12.07 -7.91 12.34
C PRO B 61 -12.44 -8.02 10.84
N SER B 62 -11.57 -7.58 9.93
CA SER B 62 -11.86 -7.68 8.49
C SER B 62 -11.68 -9.11 7.95
N LEU B 63 -10.60 -9.77 8.37
CA LEU B 63 -10.29 -11.10 7.88
C LEU B 63 -11.47 -12.06 8.05
N VAL B 64 -12.04 -12.10 9.26
CA VAL B 64 -13.18 -12.98 9.60
C VAL B 64 -14.30 -12.85 8.58
N ARG B 65 -14.83 -11.64 8.44
CA ARG B 65 -15.82 -11.31 7.43
C ARG B 65 -15.38 -11.78 6.02
N THR B 66 -14.18 -11.42 5.61
CA THR B 66 -13.62 -11.94 4.35
C THR B 66 -13.67 -13.47 4.29
N LEU B 67 -13.19 -14.13 5.34
CA LEU B 67 -13.36 -15.57 5.53
C LEU B 67 -14.82 -16.05 5.65
N ASP B 68 -15.71 -15.23 6.20
CA ASP B 68 -17.13 -15.57 6.21
C ASP B 68 -17.60 -15.55 4.74
N GLN B 69 -17.23 -14.51 4.01
CA GLN B 69 -17.51 -14.44 2.58
C GLN B 69 -16.98 -15.65 1.84
N LEU B 70 -15.68 -15.92 1.97
CA LEU B 70 -15.10 -17.12 1.35
C LEU B 70 -15.78 -18.43 1.77
N GLU B 71 -16.27 -18.46 2.99
CA GLU B 71 -17.03 -19.60 3.50
C GLU B 71 -18.35 -19.76 2.71
N GLU B 72 -19.02 -18.63 2.43
CA GLU B 72 -20.25 -18.61 1.64
C GLU B 72 -20.02 -18.71 0.15
N LYS B 73 -18.76 -18.69 -0.28
CA LYS B 73 -18.43 -18.90 -1.68
C LYS B 73 -18.04 -20.36 -1.92
N GLY B 74 -17.95 -21.12 -0.82
CA GLY B 74 -17.50 -22.51 -0.84
C GLY B 74 -15.99 -22.74 -0.91
N LEU B 75 -15.20 -21.67 -0.76
CA LEU B 75 -13.74 -21.72 -1.04
C LEU B 75 -12.86 -22.12 0.15
N ILE B 76 -13.29 -21.78 1.35
CA ILE B 76 -12.58 -22.16 2.56
C ILE B 76 -13.46 -22.83 3.62
N THR B 77 -12.81 -23.51 4.56
CA THR B 77 -13.44 -24.01 5.78
C THR B 77 -12.56 -23.68 7.00
N ARG B 78 -13.15 -23.68 8.19
CA ARG B 78 -12.43 -23.40 9.43
C ARG B 78 -12.55 -24.56 10.42
N HIS B 79 -11.53 -25.42 10.47
CA HIS B 79 -11.51 -26.58 11.36
C HIS B 79 -11.02 -26.22 12.76
N THR B 80 -11.92 -26.27 13.74
CA THR B 80 -11.56 -26.09 15.14
C THR B 80 -10.53 -27.16 15.54
N SER B 81 -9.50 -26.72 16.26
CA SER B 81 -8.31 -27.55 16.51
C SER B 81 -8.51 -28.67 17.55
N ALA B 82 -7.55 -29.60 17.59
CA ALA B 82 -7.59 -30.77 18.47
C ALA B 82 -6.91 -30.55 19.81
N ASN B 83 -5.69 -29.98 19.78
CA ASN B 83 -4.95 -29.65 20.99
C ASN B 83 -5.07 -28.18 21.40
N ASP B 84 -5.78 -27.40 20.59
CA ASP B 84 -5.98 -25.98 20.86
C ASP B 84 -7.38 -25.52 20.46
N ARG B 85 -8.37 -25.89 21.27
CA ARG B 85 -9.78 -25.59 20.99
C ARG B 85 -10.10 -24.09 20.87
N ARG B 86 -9.11 -23.25 21.17
CA ARG B 86 -9.22 -21.81 20.99
C ARG B 86 -9.15 -21.47 19.50
N ALA B 87 -8.30 -22.21 18.78
CA ALA B 87 -7.88 -21.87 17.43
C ALA B 87 -8.61 -22.67 16.37
N LYS B 88 -8.59 -22.14 15.15
CA LYS B 88 -9.19 -22.80 14.00
C LYS B 88 -8.22 -22.77 12.85
N ARG B 89 -7.99 -23.92 12.24
CA ARG B 89 -7.05 -24.03 11.12
C ARG B 89 -7.74 -23.94 9.76
N ILE B 90 -7.74 -22.73 9.21
CA ILE B 90 -8.32 -22.42 7.89
C ILE B 90 -7.76 -23.30 6.79
N LYS B 91 -8.65 -23.95 6.04
CA LYS B 91 -8.22 -24.73 4.89
C LYS B 91 -9.02 -24.43 3.63
N LEU B 92 -8.31 -24.38 2.51
CA LEU B 92 -8.95 -24.22 1.22
C LEU B 92 -9.69 -25.50 0.82
N THR B 93 -10.89 -25.33 0.25
CA THR B 93 -11.70 -26.46 -0.17
C THR B 93 -11.28 -27.03 -1.51
N GLU B 94 -11.58 -28.29 -1.72
CA GLU B 94 -11.29 -29.00 -2.95
C GLU B 94 -11.71 -28.16 -4.16
N GLN B 95 -12.97 -27.73 -4.17
CA GLN B 95 -13.55 -26.94 -5.27
C GLN B 95 -12.84 -25.62 -5.60
N SER B 96 -11.82 -25.27 -4.79
CA SER B 96 -11.07 -24.03 -4.95
C SER B 96 -9.84 -24.11 -5.90
N SER B 97 -9.24 -25.28 -6.04
CA SER B 97 -8.06 -25.48 -6.92
C SER B 97 -8.06 -24.70 -8.24
N PRO B 98 -9.10 -24.81 -9.08
CA PRO B 98 -8.98 -24.14 -10.38
C PRO B 98 -9.03 -22.66 -10.25
N ILE B 99 -9.43 -22.18 -9.07
CA ILE B 99 -9.45 -20.75 -8.80
C ILE B 99 -8.11 -20.31 -8.24
N ILE B 100 -7.64 -20.95 -7.17
CA ILE B 100 -6.26 -20.75 -6.69
C ILE B 100 -5.28 -20.87 -7.83
N GLU B 101 -5.63 -21.72 -8.80
CA GLU B 101 -4.75 -21.98 -9.92
C GLU B 101 -4.62 -20.73 -10.81
N GLN B 102 -5.72 -20.02 -11.08
CA GLN B 102 -5.67 -18.81 -11.94
C GLN B 102 -5.11 -17.54 -11.21
N VAL B 103 -5.45 -17.39 -9.94
CA VAL B 103 -4.86 -16.30 -9.11
C VAL B 103 -3.32 -16.39 -9.08
N ASP B 104 -2.82 -17.58 -8.70
CA ASP B 104 -1.37 -17.84 -8.62
C ASP B 104 -0.68 -17.71 -9.92
N GLY B 105 -1.23 -18.30 -10.98
CA GLY B 105 -0.56 -18.27 -12.30
C GLY B 105 -0.40 -16.79 -12.63
N VAL B 106 -1.47 -16.01 -12.47
CA VAL B 106 -1.31 -14.59 -12.87
C VAL B 106 -0.30 -13.78 -11.97
N ILE B 107 -0.27 -14.05 -10.68
CA ILE B 107 0.68 -13.36 -9.79
C ILE B 107 2.13 -13.66 -10.17
N SER B 108 2.42 -14.97 -10.34
CA SER B 108 3.75 -15.40 -10.78
C SER B 108 4.15 -14.83 -12.11
N SER B 109 3.25 -14.95 -13.08
CA SER B 109 3.57 -14.52 -14.45
C SER B 109 3.88 -13.03 -14.48
N THR B 110 3.10 -12.28 -13.71
CA THR B 110 3.12 -10.84 -13.75
C THR B 110 4.43 -10.35 -13.10
N ARG B 111 4.78 -10.98 -11.97
CA ARG B 111 6.05 -10.77 -11.33
C ARG B 111 7.20 -11.05 -12.31
N LYS B 112 7.21 -12.26 -12.93
CA LYS B 112 8.42 -12.62 -13.71
C LYS B 112 8.56 -11.67 -14.89
N GLU B 113 7.44 -11.19 -15.41
CA GLU B 113 7.51 -10.22 -16.49
C GLU B 113 8.22 -9.02 -15.98
N ILE B 114 7.67 -8.43 -14.91
CA ILE B 114 8.22 -7.21 -14.27
C ILE B 114 9.74 -7.32 -13.95
N LEU B 115 10.14 -8.46 -13.41
CA LEU B 115 11.54 -8.75 -13.11
C LEU B 115 12.32 -9.40 -14.31
N GLY B 116 11.81 -9.20 -15.54
CA GLY B 116 12.42 -9.71 -16.77
C GLY B 116 13.21 -8.75 -17.69
N GLY B 117 13.19 -7.46 -17.43
CA GLY B 117 13.99 -6.54 -18.27
C GLY B 117 15.09 -5.85 -17.47
N ILE B 118 15.14 -6.15 -16.17
CA ILE B 118 16.15 -5.56 -15.24
C ILE B 118 17.26 -6.57 -14.93
N SER B 119 18.39 -6.06 -14.43
CA SER B 119 19.59 -6.88 -14.18
C SER B 119 19.48 -7.69 -12.91
N SER B 120 20.30 -8.74 -12.81
CA SER B 120 20.39 -9.51 -11.58
C SER B 120 20.84 -8.65 -10.40
N ASP B 121 21.76 -7.71 -10.63
CA ASP B 121 22.30 -6.91 -9.53
C ASP B 121 21.19 -6.04 -8.98
N GLU B 122 20.44 -5.35 -9.84
CA GLU B 122 19.31 -4.56 -9.37
C GLU B 122 18.34 -5.41 -8.57
N ILE B 123 17.96 -6.56 -9.12
CA ILE B 123 17.02 -7.46 -8.45
C ILE B 123 17.57 -7.92 -7.09
N ALA B 124 18.85 -8.30 -7.03
CA ALA B 124 19.40 -8.85 -5.77
C ALA B 124 19.53 -7.71 -4.77
N VAL B 125 20.32 -6.71 -5.15
CA VAL B 125 20.45 -5.56 -4.24
C VAL B 125 19.05 -5.09 -3.82
N LEU B 126 18.13 -4.87 -4.76
CA LEU B 126 16.73 -4.47 -4.41
C LEU B 126 16.02 -5.45 -3.45
N SER B 127 16.11 -6.74 -3.77
CA SER B 127 15.55 -7.81 -2.97
C SER B 127 15.99 -7.80 -1.51
N GLY B 128 17.29 -7.65 -1.28
CA GLY B 128 17.86 -7.62 0.08
C GLY B 128 17.36 -6.50 0.98
N LEU B 129 17.26 -5.28 0.43
CA LEU B 129 16.90 -4.05 1.09
C LEU B 129 15.49 -4.06 1.64
N ILE B 130 14.56 -4.62 0.87
CA ILE B 130 13.19 -4.72 1.30
C ILE B 130 13.24 -5.32 2.68
N ASP B 131 14.10 -6.32 2.81
CA ASP B 131 14.24 -7.02 4.06
C ASP B 131 15.01 -6.21 5.06
N LYS B 132 15.99 -5.39 4.60
CA LYS B 132 16.74 -4.51 5.50
C LYS B 132 15.88 -3.36 5.97
N LEU B 133 15.25 -2.65 5.04
CA LEU B 133 14.46 -1.48 5.41
C LEU B 133 13.36 -1.93 6.34
N GLU B 134 12.69 -3.04 6.00
CA GLU B 134 11.55 -3.51 6.78
C GLU B 134 11.98 -3.85 8.19
N LYS B 135 13.04 -4.62 8.33
CA LYS B 135 13.59 -4.96 9.64
C LYS B 135 13.90 -3.73 10.48
N ASN B 136 14.55 -2.74 9.87
CA ASN B 136 14.92 -1.49 10.54
C ASN B 136 13.71 -0.67 11.02
N ILE B 137 12.70 -0.52 10.18
CA ILE B 137 11.50 0.23 10.57
C ILE B 137 10.77 -0.42 11.73
N ILE B 138 10.72 -1.76 11.73
CA ILE B 138 10.05 -2.53 12.78
C ILE B 138 10.85 -2.44 14.07
N GLN B 139 12.16 -2.30 13.94
CA GLN B 139 13.03 -2.01 15.08
C GLN B 139 12.67 -0.67 15.74
N LEU B 140 12.45 0.37 14.94
CA LEU B 140 12.10 1.70 15.49
C LEU B 140 10.73 1.70 16.11
N GLN B 141 9.87 0.84 15.55
CA GLN B 141 8.51 0.59 16.01
C GLN B 141 8.55 0.28 17.49
N THR B 142 9.62 -0.39 17.92
CA THR B 142 9.78 -0.71 19.33
C THR B 142 10.63 0.35 20.04
N LYS B 143 10.14 1.59 20.01
CA LYS B 143 10.72 2.70 20.75
C LYS B 143 9.62 3.67 21.15
#